data_5JQ3
#
_entry.id   5JQ3
#
_cell.length_a   114.258
_cell.length_b   114.258
_cell.length_c   307.377
_cell.angle_alpha   90.00
_cell.angle_beta   90.00
_cell.angle_gamma   120.00
#
_symmetry.space_group_name_H-M   'H 3 2'
#
loop_
_entity.id
_entity.type
_entity.pdbx_description
1 polymer 'Envelope glycoprotein 1,Envelope glycoprotein 1,Envelope glycoprotein 1'
2 polymer 'Envelope glycoprotein 2'
3 branched alpha-D-mannopyranose-(1-3)-[alpha-D-mannopyranose-(1-6)]beta-D-mannopyranose-(1-4)-2-acetamido-2-deoxy-beta-D-glucopyranose-(1-4)-2-acetamido-2-deoxy-beta-D-glucopyranose
4 non-polymer 2-acetamido-2-deoxy-beta-D-glucopyranose
5 non-polymer GLYCEROL
6 water water
#
loop_
_entity_poly.entity_id
_entity_poly.type
_entity_poly.pdbx_seq_one_letter_code
_entity_poly.pdbx_strand_id
1 'polypeptide(L)'
;ETGRSIPLGVIHNSALQVSDVDKLVCRDKLSSTNQLRSVGLNLEGNGVATDVPSATKRWGFRSGVPPKVVNYEAGEWAEN
CYNLEIKKPDGSECLPAAPDGIRGFPRCRYVHKVSGTGPCAGDFAFHKEGAFFLYDRLASTVIYRGTTFAEGVVAFLILP
QAKKDFFSSHPLREPVNATEDPSSGYYSTTIRYQATGFGTNETEYLFEVDNLTYVQLESRFTPQFLLQLNETIYTSGKRS
NTTGKLIWKVNPEIDTTIGEWAFWETKKNLTRKIRSEELSFTVVSTHHQDTGEESASSGKLGLITNTIAGVAGLITGGRR
TRR(UNK)(UNK)(UNK)(UNK)(UNK)(UNK)(UNK)(UNK)(UNK)
;
A
2 'polypeptide(L)'
;EAIVNAQPKCNPNLHYWTTQDEGAAIGLAWIPYFGPAAEGIYIEGLMHNQDGLICGLRQLANETTQALQLFLRATTELRT
FSILNRKAIDFLLQRWGGTCHILGPDCCIEPHDWTKNITDKIDQIIHDFVDGSGYIPEAPRDGQAYVRKDGEWVLLSTFL
GTHHHHHH
;
B
#
loop_
_chem_comp.id
_chem_comp.type
_chem_comp.name
_chem_comp.formula
BMA D-saccharide, beta linking beta-D-mannopyranose 'C6 H12 O6'
GOL non-polymer GLYCEROL 'C3 H8 O3'
MAN D-saccharide, alpha linking alpha-D-mannopyranose 'C6 H12 O6'
NAG D-saccharide, beta linking 2-acetamido-2-deoxy-beta-D-glucopyranose 'C8 H15 N O6'
#
# COMPACT_ATOMS: atom_id res chain seq x y z
N SER A 5 -7.85 11.81 -17.08
CA SER A 5 -7.38 10.42 -17.32
C SER A 5 -6.61 9.91 -16.09
N ILE A 6 -6.58 8.60 -15.90
CA ILE A 6 -5.74 7.98 -14.87
C ILE A 6 -4.27 8.07 -15.29
N PRO A 7 -3.41 8.70 -14.45
CA PRO A 7 -2.01 8.84 -14.88
C PRO A 7 -1.29 7.51 -15.06
N LEU A 8 -0.32 7.51 -15.97
CA LEU A 8 0.51 6.37 -16.26
C LEU A 8 1.97 6.81 -16.21
N GLY A 9 2.76 6.17 -15.35
CA GLY A 9 4.17 6.50 -15.18
C GLY A 9 5.02 5.91 -16.29
N VAL A 10 5.95 6.71 -16.81
CA VAL A 10 6.93 6.25 -17.81
C VAL A 10 8.29 6.87 -17.50
N ILE A 11 9.35 6.12 -17.84
CA ILE A 11 10.71 6.59 -17.64
C ILE A 11 11.24 7.22 -18.94
N HIS A 12 11.55 8.52 -18.89
CA HIS A 12 12.27 9.23 -19.96
C HIS A 12 13.41 10.01 -19.35
N ASN A 13 14.52 10.11 -20.09
CA ASN A 13 15.70 10.88 -19.66
C ASN A 13 16.06 10.59 -18.19
N SER A 14 16.21 9.27 -17.90
CA SER A 14 16.55 8.80 -16.56
C SER A 14 15.63 9.35 -15.45
N ALA A 15 14.35 9.52 -15.75
CA ALA A 15 13.41 10.10 -14.77
C ALA A 15 11.96 9.67 -14.99
N LEU A 16 11.30 9.33 -13.90
CA LEU A 16 9.89 8.96 -13.95
C LEU A 16 9.00 10.18 -14.14
N GLN A 17 8.10 10.08 -15.14
CA GLN A 17 7.14 11.14 -15.46
C GLN A 17 5.76 10.55 -15.75
N VAL A 18 4.73 11.39 -15.64
CA VAL A 18 3.39 11.05 -16.08
C VAL A 18 3.36 11.11 -17.60
N SER A 19 2.75 10.10 -18.22
CA SER A 19 2.60 10.02 -19.68
C SER A 19 1.61 11.08 -20.16
N ASP A 20 2.00 11.85 -21.17
CA ASP A 20 1.14 12.90 -21.73
C ASP A 20 0.19 12.31 -22.79
N VAL A 21 -1.11 12.44 -22.51
CA VAL A 21 -2.16 11.81 -23.35
C VAL A 21 -2.36 12.57 -24.68
N ASP A 22 -2.07 13.87 -24.70
CA ASP A 22 -2.09 14.69 -25.93
C ASP A 22 -1.01 14.29 -26.93
N LYS A 23 0.22 14.10 -26.42
CA LYS A 23 1.38 13.73 -27.24
C LYS A 23 1.33 12.26 -27.63
N LEU A 24 2.10 11.92 -28.66
CA LEU A 24 2.34 10.55 -29.08
C LEU A 24 3.83 10.39 -29.31
N VAL A 25 4.48 9.57 -28.48
CA VAL A 25 5.91 9.28 -28.64
C VAL A 25 6.04 7.90 -29.30
N CYS A 26 6.40 7.88 -30.58
CA CYS A 26 6.55 6.62 -31.33
C CYS A 26 7.74 5.76 -30.86
N ARG A 27 8.70 6.36 -30.15
CA ARG A 27 9.84 5.61 -29.59
C ARG A 27 9.47 4.82 -28.34
N ASP A 28 8.40 5.23 -27.64
CA ASP A 28 7.84 4.41 -26.56
C ASP A 28 7.40 3.07 -27.13
N LYS A 29 7.77 1.99 -26.45
CA LYS A 29 7.49 0.64 -26.91
C LYS A 29 6.75 -0.14 -25.83
N LEU A 30 5.57 -0.65 -26.19
CA LEU A 30 4.79 -1.56 -25.35
C LEU A 30 4.60 -2.86 -26.14
N SER A 31 5.50 -3.82 -25.93
CA SER A 31 5.47 -5.07 -26.67
C SER A 31 4.73 -6.21 -25.97
N SER A 32 4.21 -5.94 -24.77
CA SER A 32 3.48 -6.95 -24.01
C SER A 32 2.72 -6.31 -22.85
N THR A 33 1.62 -6.94 -22.44
CA THR A 33 0.89 -6.53 -21.24
C THR A 33 1.72 -6.73 -19.95
N ASN A 34 2.79 -7.52 -20.02
CA ASN A 34 3.75 -7.65 -18.90
C ASN A 34 4.50 -6.36 -18.59
N GLN A 35 4.67 -5.48 -19.57
CA GLN A 35 5.30 -4.18 -19.33
C GLN A 35 4.42 -3.22 -18.52
N LEU A 36 3.13 -3.53 -18.41
CA LEU A 36 2.21 -2.73 -17.60
C LEU A 36 2.15 -3.28 -16.19
N ARG A 37 2.32 -2.40 -15.20
CA ARG A 37 2.30 -2.78 -13.78
C ARG A 37 1.49 -1.82 -12.93
N SER A 38 0.74 -2.38 -12.00
CA SER A 38 0.08 -1.64 -10.94
C SER A 38 0.80 -1.97 -9.63
N VAL A 39 1.05 -0.94 -8.84
CA VAL A 39 1.86 -1.06 -7.63
C VAL A 39 1.18 -0.34 -6.48
N GLY A 40 1.14 -0.97 -5.31
CA GLY A 40 0.61 -0.35 -4.09
C GLY A 40 1.76 0.18 -3.27
N LEU A 41 1.67 1.46 -2.88
CA LEU A 41 2.69 2.12 -2.06
C LEU A 41 2.07 2.57 -0.73
N ASN A 42 2.80 2.39 0.36
CA ASN A 42 2.27 2.61 1.70
C ASN A 42 2.45 4.06 2.12
N LEU A 43 1.40 4.65 2.71
CA LEU A 43 1.46 6.01 3.27
C LEU A 43 2.57 6.21 4.29
N GLU A 44 2.85 5.16 5.05
CA GLU A 44 4.07 5.04 5.85
C GLU A 44 5.30 5.66 5.21
N GLY A 45 5.53 5.28 3.94
CA GLY A 45 6.70 5.70 3.18
C GLY A 45 6.78 7.18 2.86
N ASN A 46 5.68 7.92 3.08
CA ASN A 46 5.66 9.37 2.94
C ASN A 46 5.78 10.13 4.28
N GLY A 47 5.99 9.40 5.37
CA GLY A 47 6.26 10.00 6.68
C GLY A 47 5.06 10.29 7.57
N VAL A 48 3.90 9.72 7.26
CA VAL A 48 2.71 9.95 8.08
C VAL A 48 2.82 9.24 9.42
N ALA A 49 2.23 9.83 10.46
CA ALA A 49 2.21 9.20 11.79
C ALA A 49 1.47 7.86 11.75
N THR A 50 2.11 6.82 12.29
CA THR A 50 1.60 5.45 12.23
C THR A 50 1.04 4.89 13.56
N ASP A 51 1.27 5.59 14.67
CA ASP A 51 0.62 5.24 15.94
C ASP A 51 -0.91 5.17 15.79
N VAL A 52 -1.52 4.24 16.52
CA VAL A 52 -2.96 3.98 16.44
C VAL A 52 -3.84 5.24 16.65
N PRO A 53 -3.54 6.07 17.66
CA PRO A 53 -4.36 7.27 17.83
C PRO A 53 -4.33 8.23 16.61
N SER A 54 -3.16 8.43 16.01
CA SER A 54 -3.03 9.27 14.82
C SER A 54 -3.66 8.62 13.58
N ALA A 55 -3.40 7.33 13.40
CA ALA A 55 -3.90 6.58 12.24
C ALA A 55 -5.41 6.54 12.16
N THR A 56 -6.07 6.25 13.28
CA THR A 56 -7.53 6.09 13.31
C THR A 56 -8.30 7.39 13.08
N LYS A 57 -7.68 8.54 13.35
CA LYS A 57 -8.29 9.86 13.05
C LYS A 57 -8.38 10.15 11.54
N ARG A 58 -7.60 9.43 10.72
CA ARG A 58 -7.70 9.53 9.27
C ARG A 58 -8.88 8.74 8.69
N TRP A 59 -9.57 7.93 9.49
CA TRP A 59 -10.70 7.13 9.01
C TRP A 59 -12.01 7.64 9.61
N GLY A 60 -13.09 7.49 8.87
CA GLY A 60 -14.41 8.00 9.26
C GLY A 60 -15.55 7.25 8.58
N PHE A 61 -16.71 7.23 9.24
CA PHE A 61 -17.89 6.53 8.75
C PHE A 61 -18.80 7.43 7.91
N ARG A 62 -19.40 6.84 6.89
CA ARG A 62 -20.23 7.58 5.92
C ARG A 62 -21.21 6.62 5.28
N SER A 63 -22.45 7.10 5.06
CA SER A 63 -23.47 6.36 4.32
C SER A 63 -23.71 6.97 2.94
N GLY A 64 -24.35 6.21 2.05
CA GLY A 64 -24.73 6.70 0.71
C GLY A 64 -23.71 6.48 -0.39
N VAL A 65 -22.49 6.07 -0.04
CA VAL A 65 -21.41 5.88 -1.00
C VAL A 65 -21.09 4.37 -1.11
N PRO A 66 -21.42 3.74 -2.27
CA PRO A 66 -21.09 2.31 -2.42
C PRO A 66 -19.57 2.04 -2.39
N PRO A 67 -19.13 0.97 -1.72
CA PRO A 67 -17.69 0.67 -1.73
C PRO A 67 -17.17 0.25 -3.12
N LYS A 68 -15.87 0.40 -3.33
CA LYS A 68 -15.24 0.07 -4.60
C LYS A 68 -13.90 -0.55 -4.34
N VAL A 69 -13.55 -1.52 -5.19
CA VAL A 69 -12.31 -2.31 -5.06
C VAL A 69 -11.57 -2.32 -6.40
N VAL A 70 -10.25 -2.19 -6.34
CA VAL A 70 -9.38 -2.22 -7.52
C VAL A 70 -8.17 -3.06 -7.19
N ASN A 71 -7.73 -3.90 -8.12
CA ASN A 71 -6.59 -4.75 -7.85
C ASN A 71 -5.28 -4.00 -8.08
N TYR A 72 -4.22 -4.53 -7.48
CA TYR A 72 -2.86 -4.07 -7.71
C TYR A 72 -1.98 -5.30 -7.59
N GLU A 73 -0.91 -5.36 -8.37
CA GLU A 73 -0.13 -6.60 -8.57
C GLU A 73 1.04 -6.78 -7.61
N ALA A 74 1.59 -5.67 -7.12
CA ALA A 74 2.79 -5.71 -6.28
C ALA A 74 2.69 -4.65 -5.22
N GLY A 75 3.26 -4.93 -4.06
CA GLY A 75 3.15 -4.01 -2.94
C GLY A 75 4.42 -3.89 -2.16
N GLU A 76 4.35 -3.12 -1.09
CA GLU A 76 5.48 -2.80 -0.25
C GLU A 76 5.30 -3.46 1.12
N TRP A 77 6.39 -3.98 1.68
CA TRP A 77 6.37 -4.56 3.03
C TRP A 77 6.09 -3.42 3.99
N ALA A 78 5.11 -3.59 4.86
CA ALA A 78 4.70 -2.56 5.80
C ALA A 78 5.31 -2.81 7.18
N GLU A 79 5.71 -1.74 7.86
CA GLU A 79 5.99 -1.80 9.30
C GLU A 79 4.70 -1.87 10.11
N ASN A 80 3.69 -1.11 9.69
CA ASN A 80 2.47 -0.96 10.45
C ASN A 80 1.26 -1.30 9.61
N CYS A 81 0.48 -2.25 10.10
CA CYS A 81 -0.83 -2.58 9.55
C CYS A 81 -1.86 -2.55 10.69
N TYR A 82 -3.14 -2.53 10.32
CA TYR A 82 -4.23 -2.39 11.28
C TYR A 82 -5.30 -3.43 11.00
N ASN A 83 -6.01 -3.81 12.06
CA ASN A 83 -7.03 -4.86 12.02
C ASN A 83 -8.08 -4.47 13.08
N LEU A 84 -9.30 -4.16 12.64
CA LEU A 84 -10.31 -3.53 13.50
C LEU A 84 -11.50 -4.44 13.79
N GLU A 85 -11.84 -4.55 15.08
CA GLU A 85 -13.05 -5.24 15.55
C GLU A 85 -13.85 -4.26 16.41
N ILE A 86 -14.60 -3.39 15.75
CA ILE A 86 -15.34 -2.34 16.43
C ILE A 86 -16.84 -2.66 16.42
N LYS A 87 -17.47 -2.52 17.59
CA LYS A 87 -18.92 -2.68 17.73
C LYS A 87 -19.53 -1.39 18.24
N LYS A 88 -20.84 -1.22 18.06
CA LYS A 88 -21.58 -0.16 18.74
C LYS A 88 -21.82 -0.60 20.19
N PRO A 89 -22.13 0.35 21.09
CA PRO A 89 -22.46 -0.02 22.50
C PRO A 89 -23.55 -1.09 22.65
N ASP A 90 -24.48 -1.18 21.69
CA ASP A 90 -25.50 -2.25 21.65
C ASP A 90 -25.01 -3.62 21.12
N GLY A 91 -23.72 -3.78 20.85
CA GLY A 91 -23.14 -5.07 20.44
C GLY A 91 -23.14 -5.39 18.95
N SER A 92 -23.81 -4.58 18.13
CA SER A 92 -23.86 -4.82 16.68
C SER A 92 -22.56 -4.38 16.01
N GLU A 93 -22.25 -5.02 14.89
CA GLU A 93 -20.98 -4.81 14.19
C GLU A 93 -20.97 -3.47 13.46
N CYS A 94 -19.85 -2.75 13.58
CA CYS A 94 -19.66 -1.49 12.87
C CYS A 94 -19.13 -1.69 11.45
N LEU A 95 -18.37 -2.77 11.22
CA LEU A 95 -17.69 -3.03 9.94
C LEU A 95 -18.20 -4.32 9.30
N PRO A 96 -18.31 -4.34 7.94
CA PRO A 96 -18.79 -5.55 7.27
C PRO A 96 -17.71 -6.62 7.23
N ALA A 97 -18.13 -7.87 7.12
CA ALA A 97 -17.22 -8.99 6.95
C ALA A 97 -16.50 -8.84 5.61
N ALA A 98 -15.27 -9.33 5.56
CA ALA A 98 -14.48 -9.34 4.33
C ALA A 98 -15.25 -10.08 3.23
N PRO A 99 -15.47 -9.43 2.07
CA PRO A 99 -15.99 -10.16 0.91
C PRO A 99 -15.13 -11.37 0.54
N ASP A 100 -15.73 -12.31 -0.18
CA ASP A 100 -15.04 -13.50 -0.67
C ASP A 100 -13.77 -13.10 -1.46
N GLY A 101 -12.63 -13.68 -1.07
CA GLY A 101 -11.36 -13.45 -1.75
C GLY A 101 -10.61 -12.19 -1.37
N ILE A 102 -11.06 -11.50 -0.33
CA ILE A 102 -10.31 -10.37 0.22
C ILE A 102 -9.65 -10.83 1.53
N ARG A 103 -8.35 -11.11 1.45
CA ARG A 103 -7.53 -11.52 2.58
C ARG A 103 -6.66 -10.34 3.04
N GLY A 104 -6.03 -10.48 4.19
CA GLY A 104 -5.24 -9.40 4.78
C GLY A 104 -3.98 -9.06 4.00
N PHE A 105 -3.47 -7.86 4.24
CA PHE A 105 -2.22 -7.40 3.64
C PHE A 105 -1.08 -8.38 4.01
N PRO A 106 -0.32 -8.86 3.00
CA PRO A 106 0.54 -10.03 3.23
C PRO A 106 1.86 -9.84 3.99
N ARG A 107 2.34 -8.61 4.15
CA ARG A 107 3.63 -8.34 4.80
C ARG A 107 3.53 -7.16 5.77
N CYS A 108 3.34 -7.48 7.05
CA CYS A 108 3.24 -6.50 8.14
C CYS A 108 4.20 -6.89 9.25
N ARG A 109 5.06 -5.96 9.67
CA ARG A 109 5.94 -6.21 10.82
C ARG A 109 5.13 -6.16 12.13
N TYR A 110 4.28 -5.15 12.25
CA TYR A 110 3.39 -4.98 13.39
C TYR A 110 1.95 -4.89 12.92
N VAL A 111 1.09 -5.75 13.45
CA VAL A 111 -0.35 -5.65 13.21
C VAL A 111 -0.98 -5.05 14.44
N HIS A 112 -1.48 -3.83 14.31
CA HIS A 112 -2.14 -3.13 15.39
C HIS A 112 -3.59 -3.55 15.38
N LYS A 113 -3.94 -4.49 16.26
CA LYS A 113 -5.28 -5.06 16.33
C LYS A 113 -6.11 -4.34 17.39
N VAL A 114 -7.11 -3.58 16.96
CA VAL A 114 -7.92 -2.74 17.83
C VAL A 114 -9.31 -3.36 17.98
N SER A 115 -9.73 -3.57 19.23
CA SER A 115 -11.08 -4.02 19.56
C SER A 115 -11.74 -2.94 20.42
N GLY A 116 -13.05 -2.78 20.29
CA GLY A 116 -13.75 -1.81 21.11
C GLY A 116 -15.04 -1.29 20.55
N THR A 117 -15.42 -0.10 20.99
CA THR A 117 -16.71 0.47 20.69
C THR A 117 -16.64 1.91 20.20
N GLY A 118 -17.62 2.30 19.38
CA GLY A 118 -17.80 3.68 18.95
C GLY A 118 -19.22 3.89 18.45
N PRO A 119 -19.62 5.14 18.18
CA PRO A 119 -20.95 5.38 17.61
C PRO A 119 -21.09 4.94 16.14
N CYS A 120 -20.01 4.91 15.36
CA CYS A 120 -20.02 4.36 14.00
C CYS A 120 -21.19 4.91 13.17
N ALA A 121 -21.24 6.23 13.02
CA ALA A 121 -22.41 6.90 12.44
C ALA A 121 -22.33 6.94 10.90
N GLY A 122 -22.46 5.76 10.29
CA GLY A 122 -22.34 5.59 8.85
C GLY A 122 -22.15 4.12 8.50
N ASP A 123 -22.57 3.74 7.30
CA ASP A 123 -22.57 2.32 6.88
C ASP A 123 -21.20 1.74 6.58
N PHE A 124 -20.26 2.56 6.10
CA PHE A 124 -18.91 2.11 5.81
C PHE A 124 -17.90 3.12 6.33
N ALA A 125 -16.69 2.62 6.62
CA ALA A 125 -15.58 3.43 7.09
C ALA A 125 -14.63 3.71 5.94
N PHE A 126 -14.42 4.98 5.63
CA PHE A 126 -13.57 5.44 4.51
C PHE A 126 -12.35 6.18 5.03
N HIS A 127 -11.39 6.39 4.14
CA HIS A 127 -10.18 7.17 4.43
C HIS A 127 -10.51 8.65 4.18
N LYS A 128 -10.33 9.50 5.18
CA LYS A 128 -10.67 10.92 5.07
C LYS A 128 -9.82 11.73 4.10
N GLU A 129 -8.63 11.24 3.80
CA GLU A 129 -7.71 11.83 2.82
C GLU A 129 -7.79 11.22 1.41
N GLY A 130 -8.76 10.32 1.19
CA GLY A 130 -8.95 9.70 -0.12
C GLY A 130 -8.01 8.56 -0.46
N ALA A 131 -7.21 8.11 0.50
CA ALA A 131 -6.34 6.97 0.29
C ALA A 131 -7.15 5.69 0.30
N PHE A 132 -6.44 4.58 0.06
CA PHE A 132 -7.05 3.26 0.03
C PHE A 132 -6.63 2.46 1.23
N PHE A 133 -7.43 1.42 1.49
CA PHE A 133 -7.06 0.38 2.42
C PHE A 133 -6.57 -0.77 1.57
N LEU A 134 -5.30 -1.11 1.74
CA LEU A 134 -4.64 -2.13 0.93
C LEU A 134 -4.74 -3.47 1.64
N TYR A 135 -5.28 -4.44 0.90
CA TYR A 135 -5.43 -5.81 1.37
C TYR A 135 -4.52 -6.65 0.48
N ASP A 136 -4.76 -7.96 0.38
CA ASP A 136 -3.95 -8.83 -0.47
C ASP A 136 -4.23 -8.58 -1.97
N ARG A 137 -3.49 -7.66 -2.56
CA ARG A 137 -3.57 -7.35 -4.01
C ARG A 137 -4.93 -6.82 -4.45
N LEU A 138 -5.68 -6.28 -3.49
CA LEU A 138 -6.95 -5.62 -3.72
C LEU A 138 -6.94 -4.40 -2.81
N ALA A 139 -7.21 -3.23 -3.38
CA ALA A 139 -7.29 -1.98 -2.65
C ALA A 139 -8.76 -1.61 -2.60
N SER A 140 -9.23 -1.24 -1.40
CA SER A 140 -10.63 -0.88 -1.21
C SER A 140 -10.77 0.52 -0.69
N THR A 141 -11.92 1.13 -1.00
CA THR A 141 -12.26 2.41 -0.41
C THR A 141 -12.72 2.28 1.06
N VAL A 142 -13.01 1.06 1.53
CA VAL A 142 -13.54 0.85 2.89
C VAL A 142 -12.80 -0.18 3.74
N ILE A 143 -13.03 -0.12 5.06
CA ILE A 143 -12.42 -1.03 6.01
C ILE A 143 -13.34 -2.23 6.19
N TYR A 144 -12.78 -3.43 6.08
CA TYR A 144 -13.53 -4.65 6.40
C TYR A 144 -13.16 -5.13 7.80
N ARG A 145 -14.10 -5.83 8.43
CA ARG A 145 -13.95 -6.29 9.81
C ARG A 145 -12.87 -7.35 9.91
N GLY A 146 -12.04 -7.24 10.94
CA GLY A 146 -11.11 -8.31 11.30
C GLY A 146 -10.09 -8.68 10.24
N THR A 147 -9.78 -7.73 9.35
CA THR A 147 -8.99 -7.99 8.15
C THR A 147 -7.84 -6.99 8.11
N THR A 148 -6.63 -7.50 8.15
CA THR A 148 -5.44 -6.67 8.27
C THR A 148 -5.22 -5.85 6.99
N PHE A 149 -5.01 -4.54 7.16
CA PHE A 149 -4.75 -3.65 6.03
C PHE A 149 -3.59 -2.69 6.28
N ALA A 150 -3.05 -2.16 5.18
CA ALA A 150 -2.11 -1.04 5.21
C ALA A 150 -2.80 0.11 4.51
N GLU A 151 -2.51 1.33 4.96
CA GLU A 151 -2.99 2.51 4.27
C GLU A 151 -2.06 2.77 3.11
N GLY A 152 -2.62 3.03 1.93
CA GLY A 152 -1.78 3.22 0.76
C GLY A 152 -2.47 3.77 -0.46
N VAL A 153 -1.69 3.85 -1.52
CA VAL A 153 -2.14 4.39 -2.80
C VAL A 153 -1.54 3.58 -3.95
N VAL A 154 -2.15 3.68 -5.12
CA VAL A 154 -1.82 2.83 -6.26
C VAL A 154 -1.22 3.67 -7.40
N ALA A 155 -0.17 3.14 -8.04
CA ALA A 155 0.41 3.74 -9.25
C ALA A 155 0.33 2.75 -10.39
N PHE A 156 0.31 3.26 -11.62
CA PHE A 156 0.35 2.47 -12.84
C PHE A 156 1.52 2.88 -13.70
N LEU A 157 2.26 1.91 -14.22
CA LEU A 157 3.52 2.14 -14.94
C LEU A 157 3.58 1.35 -16.23
N ILE A 158 4.21 1.94 -17.24
CA ILE A 158 4.81 1.20 -18.36
C ILE A 158 6.27 1.04 -17.97
N LEU A 159 6.71 -0.19 -17.78
CA LEU A 159 8.11 -0.48 -17.53
C LEU A 159 8.85 -0.53 -18.85
N PRO A 160 10.10 -0.06 -18.89
CA PRO A 160 10.91 -0.30 -20.08
C PRO A 160 11.35 -1.77 -20.08
N GLN A 161 11.24 -2.43 -21.24
CA GLN A 161 11.57 -3.87 -21.35
C GLN A 161 13.03 -4.22 -21.01
N ALA A 162 13.93 -3.25 -21.12
CA ALA A 162 15.32 -3.43 -20.67
C ALA A 162 15.44 -3.61 -19.16
N LYS A 163 15.02 -2.60 -18.40
CA LYS A 163 15.15 -2.60 -16.93
C LYS A 163 14.38 -3.77 -16.27
N LYS A 164 15.12 -4.86 -16.01
CA LYS A 164 14.57 -6.07 -15.37
C LYS A 164 14.47 -5.95 -13.84
N ASP A 165 15.22 -5.02 -13.24
CA ASP A 165 15.23 -4.79 -11.78
C ASP A 165 14.00 -4.00 -11.29
N PHE A 166 12.81 -4.54 -11.57
CA PHE A 166 11.55 -3.86 -11.27
C PHE A 166 10.49 -4.91 -10.95
N PHE A 167 10.39 -5.26 -9.67
CA PHE A 167 9.51 -6.32 -9.15
C PHE A 167 9.91 -7.71 -9.67
N SER A 168 11.18 -8.06 -9.41
CA SER A 168 11.79 -9.34 -9.76
C SER A 168 12.00 -9.49 -11.26
N SER A 184 16.59 -12.53 4.39
CA SER A 184 15.96 -12.59 5.72
C SER A 184 14.46 -12.86 5.60
N GLY A 185 13.94 -13.62 6.56
CA GLY A 185 12.55 -14.08 6.53
C GLY A 185 11.52 -13.04 6.91
N TYR A 186 10.28 -13.50 7.00
CA TYR A 186 9.13 -12.66 7.33
C TYR A 186 8.64 -12.99 8.74
N TYR A 187 8.59 -11.98 9.60
CA TYR A 187 8.12 -12.12 10.98
C TYR A 187 7.12 -11.00 11.29
N SER A 188 5.99 -11.37 11.90
CA SER A 188 4.90 -10.46 12.19
C SER A 188 4.48 -10.58 13.65
N THR A 189 4.14 -9.45 14.26
CA THR A 189 3.80 -9.38 15.69
C THR A 189 2.50 -8.60 15.88
N THR A 190 1.56 -9.20 16.60
CA THR A 190 0.27 -8.58 16.85
C THR A 190 0.33 -7.77 18.14
N ILE A 191 -0.10 -6.52 18.05
CA ILE A 191 -0.19 -5.64 19.20
C ILE A 191 -1.65 -5.33 19.37
N ARG A 192 -2.20 -5.71 20.53
CA ARG A 192 -3.63 -5.62 20.79
C ARG A 192 -3.96 -4.36 21.58
N TYR A 193 -5.09 -3.74 21.21
CA TYR A 193 -5.58 -2.53 21.86
C TYR A 193 -7.07 -2.64 22.12
N GLN A 194 -7.52 -2.03 23.21
CA GLN A 194 -8.94 -1.80 23.47
C GLN A 194 -9.25 -0.33 23.29
N ALA A 195 -10.42 -0.02 22.75
CA ALA A 195 -10.82 1.35 22.47
C ALA A 195 -12.24 1.66 22.90
N THR A 196 -12.47 2.89 23.36
CA THR A 196 -13.81 3.41 23.59
C THR A 196 -13.94 4.72 22.83
N GLY A 197 -15.17 5.03 22.40
CA GLY A 197 -15.44 6.22 21.59
C GLY A 197 -14.68 6.24 20.28
N PHE A 198 -14.59 5.08 19.64
CA PHE A 198 -13.83 4.92 18.40
C PHE A 198 -14.42 5.78 17.30
N GLY A 199 -13.56 6.45 16.53
CA GLY A 199 -13.98 7.33 15.43
C GLY A 199 -14.55 8.67 15.84
N THR A 200 -14.20 9.16 17.03
CA THR A 200 -14.68 10.45 17.55
C THR A 200 -13.50 11.30 18.04
N ASN A 201 -13.82 12.48 18.60
CA ASN A 201 -12.82 13.34 19.24
C ASN A 201 -12.27 12.81 20.58
N GLU A 202 -13.15 12.24 21.41
CA GLU A 202 -12.78 11.73 22.74
C GLU A 202 -12.55 10.21 22.75
N THR A 203 -11.69 9.73 21.84
CA THR A 203 -11.33 8.32 21.76
C THR A 203 -10.26 8.02 22.80
N GLU A 204 -10.38 6.86 23.46
CA GLU A 204 -9.40 6.43 24.46
C GLU A 204 -8.90 5.03 24.12
N TYR A 205 -7.59 4.83 24.21
CA TYR A 205 -6.94 3.57 23.85
C TYR A 205 -6.17 2.98 25.03
N LEU A 206 -6.20 1.65 25.11
CA LEU A 206 -5.42 0.90 26.09
C LEU A 206 -4.64 -0.18 25.37
N PHE A 207 -3.33 -0.25 25.63
CA PHE A 207 -2.50 -1.35 25.14
C PHE A 207 -2.67 -2.56 26.06
N GLU A 208 -2.91 -3.74 25.47
CA GLU A 208 -3.22 -4.96 26.22
C GLU A 208 -1.96 -5.79 26.53
N VAL A 209 -1.67 -5.98 27.81
CA VAL A 209 -0.55 -6.81 28.27
C VAL A 209 -1.06 -8.24 28.44
N ASP A 210 -2.15 -8.37 29.22
CA ASP A 210 -2.99 -9.57 29.23
C ASP A 210 -4.46 -9.15 29.36
N ASN A 211 -5.37 -10.09 29.58
CA ASN A 211 -6.81 -9.77 29.62
C ASN A 211 -7.26 -8.89 30.79
N LEU A 212 -6.43 -8.80 31.84
CA LEU A 212 -6.71 -7.93 32.99
C LEU A 212 -5.62 -6.88 33.29
N THR A 213 -4.61 -6.77 32.43
CA THR A 213 -3.50 -5.82 32.62
C THR A 213 -3.36 -4.95 31.37
N TYR A 214 -3.47 -3.64 31.53
CA TYR A 214 -3.45 -2.67 30.44
C TYR A 214 -2.50 -1.51 30.71
N VAL A 215 -2.18 -0.80 29.64
CA VAL A 215 -1.39 0.42 29.70
C VAL A 215 -2.13 1.50 28.92
N GLN A 216 -2.18 2.70 29.50
CA GLN A 216 -2.88 3.82 28.87
C GLN A 216 -2.03 4.32 27.70
N LEU A 217 -2.63 4.38 26.51
CA LEU A 217 -1.88 4.62 25.28
C LEU A 217 -1.70 6.11 24.98
N GLU A 218 -0.49 6.46 24.54
CA GLU A 218 -0.14 7.79 24.07
C GLU A 218 0.28 7.66 22.61
N SER A 219 0.14 8.75 21.85
CA SER A 219 0.59 8.82 20.44
C SER A 219 2.09 8.56 20.28
N ARG A 220 2.87 9.01 21.26
CA ARG A 220 4.33 8.90 21.24
C ARG A 220 4.92 7.48 21.42
N PHE A 221 4.08 6.48 21.72
CA PHE A 221 4.57 5.12 21.94
C PHE A 221 4.76 4.37 20.62
N THR A 222 5.99 3.95 20.36
CA THR A 222 6.32 3.16 19.17
C THR A 222 5.98 1.69 19.44
N PRO A 223 5.88 0.86 18.39
CA PRO A 223 5.71 -0.59 18.57
C PRO A 223 6.80 -1.23 19.41
N GLN A 224 8.04 -0.77 19.26
CA GLN A 224 9.20 -1.33 19.95
C GLN A 224 9.14 -1.02 21.44
N PHE A 225 8.69 0.19 21.78
CA PHE A 225 8.45 0.58 23.16
C PHE A 225 7.32 -0.23 23.80
N LEU A 226 6.21 -0.41 23.07
CA LEU A 226 5.08 -1.18 23.57
C LEU A 226 5.49 -2.62 23.88
N LEU A 227 6.23 -3.26 22.98
CA LEU A 227 6.69 -4.64 23.17
C LEU A 227 7.71 -4.77 24.31
N GLN A 228 8.58 -3.77 24.47
CA GLN A 228 9.55 -3.74 25.58
C GLN A 228 8.87 -3.53 26.92
N LEU A 229 7.91 -2.60 26.94
CA LEU A 229 7.11 -2.34 28.13
C LEU A 229 6.34 -3.58 28.59
N ASN A 230 5.71 -4.27 27.65
CA ASN A 230 4.97 -5.51 27.94
C ASN A 230 5.89 -6.60 28.51
N GLU A 231 7.06 -6.79 27.88
CA GLU A 231 8.04 -7.78 28.35
C GLU A 231 8.64 -7.42 29.72
N THR A 232 8.78 -6.12 29.99
CA THR A 232 9.20 -5.63 31.31
C THR A 232 8.14 -5.92 32.37
N ILE A 233 6.87 -5.69 32.04
CA ILE A 233 5.75 -5.95 32.95
C ILE A 233 5.64 -7.44 33.32
N TYR A 234 5.79 -8.32 32.33
CA TYR A 234 5.77 -9.77 32.56
C TYR A 234 6.92 -10.26 33.46
N THR A 235 8.15 -9.83 33.16
CA THR A 235 9.34 -10.28 33.90
C THR A 235 9.49 -9.62 35.28
N SER A 236 9.11 -8.35 35.40
CA SER A 236 9.07 -7.67 36.70
C SER A 236 7.93 -8.17 37.59
N GLY A 237 6.90 -8.78 36.99
CA GLY A 237 5.77 -9.34 37.73
C GLY A 237 4.77 -8.27 38.12
N LYS A 238 4.42 -7.40 37.18
CA LYS A 238 3.50 -6.29 37.42
C LYS A 238 2.18 -6.46 36.65
N ARG A 239 1.80 -7.71 36.42
CA ARG A 239 0.49 -8.06 35.89
C ARG A 239 -0.50 -8.10 37.04
N SER A 240 -1.79 -8.09 36.70
CA SER A 240 -2.85 -8.17 37.70
C SER A 240 -2.87 -9.56 38.35
N ASN A 241 -2.84 -9.59 39.69
CA ASN A 241 -2.99 -10.85 40.44
C ASN A 241 -4.29 -10.74 41.25
N THR A 242 -5.36 -10.47 40.53
CA THR A 242 -6.67 -10.14 41.09
C THR A 242 -7.69 -10.26 39.95
N THR A 243 -8.93 -10.61 40.29
CA THR A 243 -10.04 -10.70 39.32
C THR A 243 -10.27 -9.44 38.48
N GLY A 244 -9.98 -8.27 39.04
CA GLY A 244 -10.21 -6.97 38.41
C GLY A 244 -9.11 -6.44 37.49
N LYS A 245 -9.41 -5.30 36.88
CA LYS A 245 -8.63 -4.71 35.80
C LYS A 245 -7.53 -3.79 36.34
N LEU A 246 -6.30 -4.01 35.89
CA LEU A 246 -5.14 -3.19 36.27
C LEU A 246 -4.68 -2.35 35.08
N ILE A 247 -4.83 -1.03 35.19
CA ILE A 247 -4.42 -0.08 34.13
C ILE A 247 -3.21 0.75 34.59
N TRP A 248 -2.04 0.43 34.04
CA TRP A 248 -0.82 1.21 34.27
C TRP A 248 -0.82 2.50 33.45
N LYS A 249 -0.09 3.50 33.94
CA LYS A 249 0.09 4.77 33.25
C LYS A 249 1.57 5.15 33.21
N VAL A 250 1.94 5.91 32.19
CA VAL A 250 3.32 6.33 31.96
C VAL A 250 3.34 7.86 31.89
N ASN A 251 3.80 8.49 32.97
CA ASN A 251 3.87 9.98 33.03
C ASN A 251 4.99 10.52 32.12
N PRO A 252 4.86 11.78 31.65
CA PRO A 252 5.62 12.27 30.47
C PRO A 252 7.16 12.19 30.49
N GLU A 253 7.77 12.17 31.67
CA GLU A 253 9.25 12.10 31.77
C GLU A 253 9.89 10.74 31.41
N ILE A 254 9.06 9.73 31.11
CA ILE A 254 9.54 8.46 30.55
C ILE A 254 9.93 8.68 29.09
N ASP A 255 11.13 8.21 28.73
CA ASP A 255 11.64 8.30 27.36
C ASP A 255 10.94 7.27 26.45
N THR A 256 10.76 7.65 25.19
CA THR A 256 10.27 6.75 24.14
C THR A 256 10.90 7.15 22.80
N THR A 257 10.98 6.19 21.86
CA THR A 257 11.50 6.45 20.52
C THR A 257 10.51 7.26 19.67
N GLU A 260 11.42 13.04 16.45
CA GLU A 260 10.48 12.39 15.55
C GLU A 260 11.18 11.92 14.27
N TRP A 261 11.51 10.62 14.24
CA TRP A 261 12.21 9.98 13.12
C TRP A 261 11.32 8.87 12.51
N ALA A 262 11.48 8.65 11.21
CA ALA A 262 10.75 7.58 10.50
C ALA A 262 11.42 6.23 10.70
N PHE A 263 10.63 5.15 10.65
CA PHE A 263 11.10 3.79 10.98
C PHE A 263 12.33 3.29 10.20
N TRP A 264 12.44 3.70 8.93
CA TRP A 264 13.52 3.23 8.05
C TRP A 264 14.89 3.88 8.31
N GLU A 265 14.90 5.01 9.03
CA GLU A 265 16.14 5.74 9.36
C GLU A 265 16.60 5.55 10.82
N THR A 266 15.71 5.03 11.68
CA THR A 266 16.06 4.57 13.04
C THR A 266 15.79 3.06 13.17
N SER A 276 14.23 -2.82 30.57
CA SER A 276 15.38 -2.77 31.47
C SER A 276 14.93 -2.69 32.92
N GLU A 277 15.89 -2.62 33.85
CA GLU A 277 15.61 -2.50 35.30
C GLU A 277 15.56 -1.04 35.81
N GLU A 278 15.25 -0.09 34.92
CA GLU A 278 15.19 1.35 35.26
C GLU A 278 13.76 1.86 35.52
N LEU A 279 12.75 1.04 35.23
CA LEU A 279 11.34 1.41 35.43
C LEU A 279 10.87 0.99 36.83
N SER A 280 10.34 1.94 37.60
CA SER A 280 9.77 1.68 38.92
C SER A 280 8.25 1.81 38.89
N PHE A 281 7.55 0.75 39.32
CA PHE A 281 6.09 0.68 39.28
C PHE A 281 5.50 0.92 40.67
N THR A 282 4.39 1.68 40.72
CA THR A 282 3.73 2.02 41.99
C THR A 282 2.20 2.08 41.84
N VAL A 283 1.49 1.36 42.70
CA VAL A 283 0.02 1.22 42.64
C VAL A 283 -0.66 2.32 43.48
N VAL A 284 -1.64 3.00 42.89
CA VAL A 284 -2.41 4.05 43.57
C VAL A 284 -3.49 3.41 44.43
N UNK A 324 -13.17 -4.20 41.93
CA UNK A 324 -13.53 -2.88 41.43
C UNK A 324 -12.66 -2.47 40.25
N UNK A 325 -11.56 -1.78 40.54
CA UNK A 325 -10.59 -1.34 39.52
C UNK A 325 -9.25 -0.99 40.18
N UNK A 326 -8.25 -0.68 39.37
CA UNK A 326 -6.93 -0.30 39.88
C UNK A 326 -6.13 0.52 38.86
N UNK A 327 -5.91 1.80 39.18
CA UNK A 327 -5.05 2.69 38.40
C UNK A 327 -3.67 2.76 39.05
N UNK A 328 -2.65 3.13 38.27
CA UNK A 328 -1.26 3.11 38.74
C UNK A 328 -0.31 3.88 37.81
N UNK A 329 0.89 4.18 38.32
CA UNK A 329 1.91 4.95 37.60
C UNK A 329 3.21 4.14 37.44
N UNK A 330 3.85 4.29 36.28
CA UNK A 330 5.17 3.70 36.01
C UNK A 330 6.17 4.84 35.84
N UNK A 331 7.07 5.00 36.82
CA UNK A 331 8.05 6.10 36.84
C UNK A 331 9.42 5.63 36.33
N UNK A 332 10.38 6.56 36.29
CA UNK A 332 11.77 6.27 35.87
C UNK A 332 12.75 6.85 36.89
N GLU B 1 3.72 15.69 -17.78
CA GLU B 1 4.23 16.39 -16.58
C GLU B 1 5.44 15.68 -15.97
N ALA B 2 6.32 16.44 -15.32
CA ALA B 2 7.37 15.89 -14.47
C ALA B 2 6.79 15.51 -13.10
N ILE B 3 7.41 14.55 -12.42
CA ILE B 3 7.01 14.15 -11.06
C ILE B 3 7.85 14.89 -10.02
N VAL B 4 7.20 15.71 -9.20
CA VAL B 4 7.87 16.45 -8.13
C VAL B 4 7.39 15.91 -6.78
N ASN B 5 8.25 15.17 -6.06
CA ASN B 5 7.87 14.64 -4.73
C ASN B 5 7.67 15.79 -3.75
N ALA B 6 6.43 15.96 -3.28
CA ALA B 6 6.03 17.01 -2.36
C ALA B 6 5.51 16.40 -1.05
N GLN B 7 6.10 15.28 -0.63
CA GLN B 7 5.70 14.61 0.60
C GLN B 7 6.60 15.06 1.77
N PRO B 8 6.11 14.94 3.02
CA PRO B 8 6.96 15.31 4.18
C PRO B 8 8.26 14.52 4.25
N LYS B 9 8.19 13.22 3.99
CA LYS B 9 9.37 12.35 3.87
C LYS B 9 9.27 11.43 2.65
N CYS B 10 10.39 10.78 2.32
CA CYS B 10 10.46 9.73 1.31
C CYS B 10 11.33 8.61 1.84
N ASN B 11 10.78 7.41 1.96
CA ASN B 11 11.60 6.22 2.15
C ASN B 11 12.22 5.90 0.78
N PRO B 12 13.55 6.09 0.64
CA PRO B 12 14.15 5.93 -0.69
C PRO B 12 14.32 4.47 -1.17
N ASN B 13 14.08 3.49 -0.29
CA ASN B 13 14.17 2.08 -0.66
C ASN B 13 12.81 1.44 -0.61
N LEU B 14 12.57 0.52 -1.55
CA LEU B 14 11.29 -0.15 -1.69
C LEU B 14 11.52 -1.64 -1.52
N HIS B 15 11.19 -2.14 -0.32
CA HIS B 15 11.18 -3.57 -0.03
C HIS B 15 9.81 -4.06 -0.47
N TYR B 16 9.77 -4.74 -1.61
CA TYR B 16 8.51 -5.09 -2.26
C TYR B 16 8.18 -6.56 -2.12
N TRP B 17 6.90 -6.87 -2.31
CA TRP B 17 6.43 -8.23 -2.48
C TRP B 17 5.58 -8.28 -3.74
N THR B 18 5.61 -9.41 -4.42
CA THR B 18 4.70 -9.68 -5.51
C THR B 18 4.56 -11.19 -5.69
N THR B 19 3.73 -11.60 -6.65
CA THR B 19 3.56 -13.00 -6.98
C THR B 19 4.43 -13.35 -8.17
N GLN B 20 4.86 -14.61 -8.22
CA GLN B 20 5.48 -15.13 -9.43
C GLN B 20 4.36 -15.69 -10.33
N ASP B 21 3.91 -14.86 -11.27
CA ASP B 21 2.80 -15.19 -12.19
C ASP B 21 3.11 -16.40 -13.09
N GLU B 22 4.41 -16.60 -13.39
CA GLU B 22 4.89 -17.79 -14.10
C GLU B 22 6.14 -18.31 -13.41
N GLY B 23 5.94 -19.09 -12.34
CA GLY B 23 7.04 -19.75 -11.64
C GLY B 23 7.57 -20.95 -12.41
N ALA B 24 8.89 -21.14 -12.39
CA ALA B 24 9.51 -22.37 -12.90
C ALA B 24 9.31 -23.46 -11.83
N ALA B 25 8.16 -24.12 -11.88
CA ALA B 25 7.71 -25.02 -10.79
C ALA B 25 8.68 -26.18 -10.52
N ILE B 26 8.66 -26.66 -9.28
CA ILE B 26 9.62 -27.64 -8.79
C ILE B 26 8.86 -28.94 -8.52
N GLY B 27 8.82 -29.81 -9.53
CA GLY B 27 8.09 -31.08 -9.44
C GLY B 27 6.58 -30.87 -9.45
N LEU B 28 5.93 -31.24 -8.35
CA LEU B 28 4.46 -31.18 -8.23
C LEU B 28 3.92 -29.91 -7.53
N ALA B 29 4.80 -28.96 -7.20
CA ALA B 29 4.40 -27.76 -6.44
C ALA B 29 3.40 -26.83 -7.13
N TRP B 30 3.28 -26.93 -8.46
CA TRP B 30 2.27 -26.21 -9.23
C TRP B 30 0.82 -26.69 -9.03
N ILE B 31 0.65 -27.95 -8.62
CA ILE B 31 -0.67 -28.55 -8.35
C ILE B 31 -1.22 -27.91 -7.08
N PRO B 32 -2.41 -27.26 -7.15
CA PRO B 32 -2.99 -26.58 -5.98
C PRO B 32 -3.03 -27.42 -4.70
N TYR B 33 -3.42 -28.69 -4.84
CA TYR B 33 -3.45 -29.65 -3.72
C TYR B 33 -2.10 -29.77 -2.98
N PHE B 34 -0.99 -29.80 -3.72
CA PHE B 34 0.35 -29.94 -3.13
C PHE B 34 1.07 -28.62 -2.87
N GLY B 35 0.70 -27.56 -3.58
CA GLY B 35 1.43 -26.30 -3.53
C GLY B 35 1.32 -25.51 -2.24
N PRO B 36 1.87 -24.29 -2.21
CA PRO B 36 1.79 -23.49 -0.99
C PRO B 36 0.39 -22.96 -0.71
N ALA B 37 0.15 -22.61 0.56
CA ALA B 37 -1.06 -21.92 0.95
C ALA B 37 -0.99 -20.48 0.48
N ALA B 38 -2.09 -19.74 0.66
CA ALA B 38 -2.18 -18.31 0.30
C ALA B 38 -1.00 -17.46 0.80
N GLU B 39 -0.47 -17.76 1.98
CA GLU B 39 0.60 -16.97 2.58
C GLU B 39 1.98 -17.22 1.97
N GLY B 40 2.14 -18.33 1.24
CA GLY B 40 3.45 -18.75 0.71
C GLY B 40 3.67 -18.57 -0.78
N ILE B 41 2.87 -17.73 -1.43
CA ILE B 41 2.96 -17.53 -2.89
C ILE B 41 3.79 -16.29 -3.30
N TYR B 42 4.36 -15.60 -2.33
CA TYR B 42 5.00 -14.31 -2.58
C TYR B 42 6.49 -14.44 -2.78
N ILE B 43 7.02 -13.58 -3.63
CA ILE B 43 8.46 -13.37 -3.75
C ILE B 43 8.72 -11.95 -3.28
N GLU B 44 9.97 -11.69 -2.93
CA GLU B 44 10.37 -10.38 -2.42
C GLU B 44 11.63 -9.88 -3.12
N GLY B 45 11.85 -8.57 -3.03
CA GLY B 45 13.09 -7.95 -3.51
C GLY B 45 13.21 -6.55 -2.97
N LEU B 46 14.34 -5.90 -3.27
CA LEU B 46 14.66 -4.57 -2.77
C LEU B 46 15.13 -3.68 -3.91
N MET B 47 14.47 -2.54 -4.10
CA MET B 47 14.84 -1.56 -5.12
C MET B 47 15.34 -0.30 -4.42
N HIS B 48 16.42 0.27 -4.93
CA HIS B 48 16.99 1.52 -4.40
C HIS B 48 16.60 2.68 -5.30
N ASN B 49 16.92 3.90 -4.87
CA ASN B 49 16.42 5.13 -5.49
C ASN B 49 17.28 5.64 -6.66
N GLN B 50 17.78 4.72 -7.48
CA GLN B 50 18.54 5.06 -8.70
C GLN B 50 17.61 5.86 -9.60
N ASP B 51 18.11 6.98 -10.13
CA ASP B 51 17.33 7.92 -10.97
C ASP B 51 16.14 8.58 -10.24
N GLY B 52 16.19 8.61 -8.91
CA GLY B 52 15.05 9.07 -8.09
C GLY B 52 13.72 8.39 -8.33
N LEU B 53 13.75 7.13 -8.81
CA LEU B 53 12.51 6.44 -9.23
C LEU B 53 11.61 6.03 -8.07
N ILE B 54 12.19 5.74 -6.90
CA ILE B 54 11.38 5.35 -5.75
C ILE B 54 10.60 6.56 -5.23
N CYS B 55 11.30 7.67 -5.02
CA CYS B 55 10.64 8.91 -4.60
C CYS B 55 9.63 9.41 -5.64
N GLY B 56 9.95 9.27 -6.93
CA GLY B 56 9.00 9.57 -8.00
C GLY B 56 7.76 8.69 -7.94
N LEU B 57 7.99 7.39 -7.76
CA LEU B 57 6.90 6.42 -7.69
C LEU B 57 5.95 6.67 -6.50
N ARG B 58 6.50 7.04 -5.34
CA ARG B 58 5.65 7.40 -4.19
C ARG B 58 4.77 8.59 -4.51
N GLN B 59 5.36 9.61 -5.14
CA GLN B 59 4.62 10.78 -5.57
C GLN B 59 3.61 10.45 -6.66
N LEU B 60 4.00 9.59 -7.60
CA LEU B 60 3.08 9.19 -8.69
C LEU B 60 1.82 8.52 -8.13
N ALA B 61 2.00 7.61 -7.18
CA ALA B 61 0.87 6.91 -6.55
C ALA B 61 -0.06 7.89 -5.85
N ASN B 62 0.52 8.81 -5.08
CA ASN B 62 -0.21 9.92 -4.47
C ASN B 62 -1.04 10.71 -5.50
N GLU B 63 -0.41 11.18 -6.57
CA GLU B 63 -1.09 11.98 -7.61
C GLU B 63 -2.12 11.21 -8.43
N THR B 64 -1.93 9.90 -8.56
CA THR B 64 -2.87 9.01 -9.25
C THR B 64 -4.24 8.90 -8.55
N THR B 65 -4.27 9.16 -7.25
CA THR B 65 -5.41 8.82 -6.40
C THR B 65 -6.72 9.50 -6.80
N GLN B 66 -6.68 10.80 -7.06
CA GLN B 66 -7.89 11.54 -7.44
C GLN B 66 -8.58 10.97 -8.67
N ALA B 67 -7.83 10.84 -9.77
CA ALA B 67 -8.38 10.29 -11.02
C ALA B 67 -8.84 8.85 -10.85
N LEU B 68 -8.09 8.05 -10.09
CA LEU B 68 -8.49 6.68 -9.81
C LEU B 68 -9.80 6.63 -9.00
N GLN B 69 -9.90 7.46 -7.95
CA GLN B 69 -11.11 7.52 -7.13
C GLN B 69 -12.32 7.99 -7.96
N LEU B 70 -12.12 8.97 -8.83
CA LEU B 70 -13.20 9.42 -9.73
C LEU B 70 -13.60 8.35 -10.74
N PHE B 71 -12.64 7.57 -11.21
CA PHE B 71 -12.93 6.44 -12.06
C PHE B 71 -13.77 5.38 -11.31
N LEU B 72 -13.39 5.08 -10.07
CA LEU B 72 -14.11 4.08 -9.26
C LEU B 72 -15.51 4.54 -8.86
N ARG B 73 -15.69 5.83 -8.60
CA ARG B 73 -17.02 6.39 -8.36
C ARG B 73 -17.96 6.16 -9.53
N ALA B 74 -17.43 6.30 -10.75
CA ALA B 74 -18.24 6.23 -11.97
C ALA B 74 -18.48 4.81 -12.48
N THR B 75 -17.70 3.84 -12.05
CA THR B 75 -17.91 2.44 -12.47
C THR B 75 -18.94 1.76 -11.57
N THR B 76 -19.63 0.78 -12.13
CA THR B 76 -20.56 -0.08 -11.41
C THR B 76 -19.97 -1.46 -11.11
N GLU B 77 -18.79 -1.78 -11.65
CA GLU B 77 -18.09 -3.01 -11.24
C GLU B 77 -17.70 -2.88 -9.79
N LEU B 78 -17.86 -3.97 -9.06
CA LEU B 78 -17.56 -3.99 -7.63
C LEU B 78 -16.06 -4.11 -7.47
N ARG B 79 -15.43 -4.93 -8.32
CA ARG B 79 -13.98 -5.10 -8.35
C ARG B 79 -13.44 -4.86 -9.76
N THR B 80 -12.53 -3.89 -9.89
CA THR B 80 -11.99 -3.49 -11.17
C THR B 80 -10.61 -4.12 -11.43
N PHE B 81 -10.54 -4.95 -12.46
CA PHE B 81 -9.33 -5.65 -12.91
C PHE B 81 -8.82 -5.25 -14.29
N SER B 82 -9.49 -4.29 -14.93
CA SER B 82 -9.33 -4.04 -16.36
C SER B 82 -8.57 -2.76 -16.73
N ILE B 83 -8.01 -2.05 -15.75
CA ILE B 83 -7.39 -0.75 -16.03
C ILE B 83 -6.15 -0.87 -16.93
N LEU B 84 -5.29 -1.85 -16.65
CA LEU B 84 -4.09 -2.04 -17.46
C LEU B 84 -4.38 -2.56 -18.87
N ASN B 85 -5.36 -3.45 -19.01
CA ASN B 85 -5.78 -3.91 -20.34
C ASN B 85 -6.37 -2.76 -21.17
N ARG B 86 -7.13 -1.87 -20.52
CA ARG B 86 -7.70 -0.72 -21.20
C ARG B 86 -6.60 0.29 -21.63
N LYS B 87 -5.56 0.45 -20.81
CA LYS B 87 -4.38 1.24 -21.19
C LYS B 87 -3.71 0.67 -22.44
N ALA B 88 -3.54 -0.65 -22.48
CA ALA B 88 -2.93 -1.33 -23.62
C ALA B 88 -3.72 -1.12 -24.91
N ILE B 89 -5.04 -1.22 -24.80
CA ILE B 89 -5.93 -0.98 -25.94
C ILE B 89 -5.82 0.46 -26.42
N ASP B 90 -5.81 1.41 -25.49
CA ASP B 90 -5.67 2.82 -25.82
C ASP B 90 -4.29 3.18 -26.41
N PHE B 91 -3.23 2.53 -25.92
CA PHE B 91 -1.90 2.63 -26.54
C PHE B 91 -2.00 2.27 -28.02
N LEU B 92 -2.63 1.14 -28.32
CA LEU B 92 -2.79 0.68 -29.70
C LEU B 92 -3.70 1.56 -30.55
N LEU B 93 -4.81 2.02 -29.99
CA LEU B 93 -5.76 2.88 -30.73
C LEU B 93 -5.20 4.28 -31.03
N GLN B 94 -4.36 4.79 -30.14
CA GLN B 94 -3.67 6.06 -30.34
C GLN B 94 -2.82 6.03 -31.61
N ARG B 95 -2.12 4.93 -31.84
CA ARG B 95 -1.22 4.74 -32.98
C ARG B 95 -1.88 4.18 -34.22
N TRP B 96 -2.72 3.16 -34.04
CA TRP B 96 -3.26 2.36 -35.15
C TRP B 96 -4.78 2.47 -35.33
N GLY B 97 -5.41 3.40 -34.62
CA GLY B 97 -6.85 3.61 -34.68
C GLY B 97 -7.37 4.28 -35.94
N GLY B 98 -6.48 4.90 -36.72
CA GLY B 98 -6.83 5.46 -38.02
C GLY B 98 -5.86 5.05 -39.10
N THR B 99 -6.00 5.65 -40.26
CA THR B 99 -5.07 5.44 -41.38
C THR B 99 -3.70 6.00 -40.97
N CYS B 100 -2.65 5.20 -41.18
CA CYS B 100 -1.30 5.61 -40.84
C CYS B 100 -0.70 6.32 -42.06
N HIS B 101 -0.53 7.64 -41.96
CA HIS B 101 0.07 8.46 -43.03
C HIS B 101 1.57 8.53 -42.82
N ILE B 102 2.34 7.92 -43.72
CA ILE B 102 3.80 7.78 -43.54
C ILE B 102 4.48 9.15 -43.61
N LEU B 103 5.48 9.34 -42.76
CA LEU B 103 6.16 10.62 -42.49
C LEU B 103 5.38 11.63 -41.62
N GLY B 104 4.13 11.32 -41.26
CA GLY B 104 3.37 12.17 -40.34
C GLY B 104 3.85 11.98 -38.91
N PRO B 105 3.57 12.95 -38.03
CA PRO B 105 4.01 12.87 -36.63
C PRO B 105 3.22 11.88 -35.76
N ASP B 106 2.07 11.40 -36.25
CA ASP B 106 1.25 10.42 -35.54
C ASP B 106 1.28 9.00 -36.13
N CYS B 107 2.08 8.77 -37.18
CA CYS B 107 2.28 7.42 -37.74
C CYS B 107 3.65 6.89 -37.35
N CYS B 108 3.67 5.75 -36.65
CA CYS B 108 4.90 5.11 -36.17
C CYS B 108 5.39 4.04 -37.15
N ILE B 109 5.57 4.43 -38.41
CA ILE B 109 6.16 3.57 -39.43
C ILE B 109 7.47 4.23 -39.85
N GLU B 110 8.57 3.48 -39.76
CA GLU B 110 9.90 3.94 -40.17
C GLU B 110 10.25 3.33 -41.53
N PRO B 111 10.36 4.17 -42.60
CA PRO B 111 10.81 3.70 -43.91
C PRO B 111 12.28 4.07 -44.25
N HIS B 112 13.13 4.25 -43.23
CA HIS B 112 14.54 4.64 -43.46
C HIS B 112 15.33 3.56 -44.20
N ASP B 113 15.20 2.33 -43.74
CA ASP B 113 15.80 1.17 -44.43
C ASP B 113 15.10 0.93 -45.77
N TRP B 114 13.80 1.25 -45.83
CA TRP B 114 13.04 1.20 -47.08
C TRP B 114 13.50 2.23 -48.12
N THR B 115 14.03 3.37 -47.67
CA THR B 115 14.69 4.32 -48.58
C THR B 115 16.00 3.72 -49.10
N LYS B 116 16.78 3.13 -48.20
CA LYS B 116 18.05 2.48 -48.57
C LYS B 116 17.88 1.31 -49.54
N ASN B 117 16.70 0.68 -49.56
CA ASN B 117 16.38 -0.34 -50.55
C ASN B 117 16.18 0.24 -51.95
N ILE B 118 15.53 1.40 -52.03
CA ILE B 118 15.22 2.07 -53.31
C ILE B 118 16.26 3.14 -53.71
N THR B 119 16.98 3.71 -52.75
CA THR B 119 18.07 4.66 -53.03
C THR B 119 19.35 3.95 -53.47
N ASP B 120 19.53 2.70 -53.01
CA ASP B 120 20.51 1.77 -53.57
C ASP B 120 20.07 1.36 -54.99
N LYS B 121 18.76 1.26 -55.19
CA LYS B 121 18.14 0.97 -56.50
C LYS B 121 17.97 2.17 -57.45
N ILE B 122 18.54 3.34 -57.14
CA ILE B 122 18.64 4.42 -58.16
C ILE B 122 19.60 3.98 -59.27
N ASP B 123 20.72 3.36 -58.86
CA ASP B 123 21.74 2.87 -59.79
C ASP B 123 21.41 1.52 -60.46
N GLN B 124 20.29 0.91 -60.10
CA GLN B 124 19.84 -0.34 -60.74
C GLN B 124 19.40 -0.13 -62.19
N ILE B 125 18.98 1.08 -62.54
CA ILE B 125 18.63 1.42 -63.93
C ILE B 125 19.28 2.71 -64.51
N ILE B 126 19.58 3.71 -63.66
CA ILE B 126 20.23 4.96 -64.13
C ILE B 126 21.74 4.79 -64.39
N HIS B 127 22.40 3.92 -63.61
CA HIS B 127 23.83 3.59 -63.78
C HIS B 127 23.98 2.52 -64.86
N ASP B 128 23.08 1.54 -64.86
CA ASP B 128 23.00 0.53 -65.93
C ASP B 128 22.04 1.05 -67.02
N PHE B 129 22.54 2.02 -67.79
CA PHE B 129 21.80 2.61 -68.93
C PHE B 129 22.71 2.49 -70.15
N VAL B 130 22.95 1.24 -70.56
CA VAL B 130 23.95 0.92 -71.58
C VAL B 130 23.39 1.20 -72.98
C1 NAG C . -0.91 13.23 -1.35
C2 NAG C . -1.95 12.84 -0.31
C3 NAG C . -2.48 14.09 0.39
C4 NAG C . -1.32 14.91 0.98
C5 NAG C . -0.25 15.16 -0.10
C6 NAG C . 1.00 15.84 0.46
C7 NAG C . -3.45 10.90 -0.59
C8 NAG C . -4.60 10.34 -1.37
N2 NAG C . -3.05 12.13 -0.95
O3 NAG C . -3.42 13.65 1.39
O4 NAG C . -1.75 16.21 1.42
O5 NAG C . 0.15 13.92 -0.68
O6 NAG C . 1.61 15.00 1.45
O7 NAG C . -2.95 10.25 0.31
C1 NAG C . -2.52 16.19 2.64
C2 NAG C . -1.98 17.21 3.64
C3 NAG C . -2.79 17.10 4.92
C4 NAG C . -4.28 17.31 4.61
C5 NAG C . -4.76 16.39 3.49
C6 NAG C . -6.17 16.76 3.02
C7 NAG C . 0.42 17.83 3.53
C8 NAG C . 1.81 17.42 3.93
N2 NAG C . -0.56 16.99 3.92
O3 NAG C . -2.34 18.08 5.87
O4 NAG C . -5.06 17.05 5.79
O5 NAG C . -3.89 16.47 2.36
O6 NAG C . -6.87 15.59 2.60
O7 NAG C . 0.23 18.86 2.90
C1 BMA C . -5.63 18.27 6.33
C2 BMA C . -6.69 17.91 7.37
C3 BMA C . -7.30 19.16 7.99
C4 BMA C . -6.24 20.17 8.43
C5 BMA C . -5.15 20.37 7.36
C6 BMA C . -3.97 21.18 7.90
O2 BMA C . -6.10 17.08 8.38
O3 BMA C . -8.10 18.79 9.12
O4 BMA C . -6.86 21.42 8.72
O5 BMA C . -4.64 19.11 6.91
O6 BMA C . -3.33 20.43 8.94
C1 MAN C . -9.40 19.40 9.17
C2 MAN C . -10.14 18.87 10.40
C3 MAN C . -10.54 17.40 10.21
C4 MAN C . -11.28 17.19 8.90
C5 MAN C . -10.48 17.79 7.74
C6 MAN C . -11.20 17.68 6.40
O2 MAN C . -11.31 19.67 10.63
O3 MAN C . -11.36 16.97 11.32
O4 MAN C . -11.49 15.79 8.68
O5 MAN C . -10.21 19.17 8.00
O6 MAN C . -10.56 16.69 5.57
C1 MAN C . -2.43 21.22 9.72
C2 MAN C . -1.60 20.29 10.60
C3 MAN C . -0.53 21.07 11.38
C4 MAN C . -0.95 22.52 11.66
C5 MAN C . -2.48 22.65 11.73
C6 MAN C . -2.93 24.10 11.98
O2 MAN C . -1.00 19.27 9.80
O3 MAN C . 0.71 21.09 10.65
O4 MAN C . -0.37 22.95 12.89
O5 MAN C . -3.12 22.20 10.52
O6 MAN C . -2.53 24.94 10.88
C1 NAG D . 3.87 -9.72 26.21
C2 NAG D . 3.87 -10.23 24.79
C3 NAG D . 3.61 -11.72 24.80
C4 NAG D . 4.69 -12.41 25.64
C5 NAG D . 4.83 -11.74 27.02
C6 NAG D . 5.96 -12.31 27.88
C7 NAG D . 3.10 -9.06 22.75
C8 NAG D . 1.96 -8.30 22.12
N2 NAG D . 2.89 -9.49 24.00
O3 NAG D . 3.61 -12.23 23.46
O4 NAG D . 4.39 -13.79 25.83
O5 NAG D . 4.98 -10.33 26.87
O6 NAG D . 7.07 -12.76 27.11
O7 NAG D . 4.15 -9.25 22.14
C1 NAG E . -8.48 -13.54 26.77
C2 NAG E . -8.22 -15.04 26.85
C3 NAG E . -8.45 -15.68 25.49
C4 NAG E . -9.87 -15.39 25.00
C5 NAG E . -10.19 -13.89 25.08
C6 NAG E . -11.68 -13.65 24.82
C7 NAG E . -6.53 -15.58 28.57
C8 NAG E . -5.07 -15.83 28.81
N2 NAG E . -6.85 -15.31 27.29
O3 NAG E . -8.23 -17.10 25.55
O4 NAG E . -10.01 -15.85 23.66
O5 NAG E . -9.85 -13.35 26.37
O6 NAG E . -12.01 -12.27 25.02
O7 NAG E . -7.34 -15.64 29.48
C1 NAG F . -15.14 17.19 19.33
C2 NAG F . -16.25 18.26 19.29
C3 NAG F . -15.79 19.61 19.83
C4 NAG F . -14.78 19.40 20.97
C5 NAG F . -13.54 18.67 20.47
C6 NAG F . -12.85 17.94 21.61
C7 NAG F . -18.07 18.39 17.60
C8 NAG F . -18.37 18.54 16.14
N2 NAG F . -16.77 18.40 17.93
O3 NAG F . -16.91 20.36 20.29
O4 NAG F . -14.41 20.66 21.53
O5 NAG F . -13.82 17.75 19.40
O6 NAG F . -11.47 17.74 21.30
O7 NAG F . -18.97 18.29 18.41
C1 NAG G . 0.92 -8.76 42.53
C2 NAG G . 2.44 -8.84 42.31
C3 NAG G . 3.17 -7.60 42.82
C4 NAG G . 2.47 -6.30 42.43
C5 NAG G . 0.97 -6.38 42.72
C6 NAG G . 0.23 -5.13 42.28
C7 NAG G . 4.13 -10.61 42.60
C8 NAG G . 4.52 -11.84 43.37
N2 NAG G . 2.98 -10.04 42.95
O3 NAG G . 4.50 -7.55 42.28
O4 NAG G . 3.04 -5.21 43.16
O5 NAG G . 0.44 -7.50 42.03
O6 NAG G . -1.18 -5.29 42.50
O7 NAG G . 4.86 -10.18 41.71
C1 GOL H . 10.01 -1.65 5.32
O1 GOL H . 9.60 -1.29 3.99
C2 GOL H . 10.23 -3.15 5.40
O2 GOL H . 11.63 -3.43 5.57
C3 GOL H . 9.44 -3.78 6.54
O3 GOL H . 9.87 -3.25 7.80
C1 GOL I . -22.95 -1.23 8.56
O1 GOL I . -22.59 -1.69 7.24
C2 GOL I . -22.84 -2.34 9.60
O2 GOL I . -24.03 -3.14 9.58
C3 GOL I . -21.60 -3.22 9.35
O3 GOL I . -21.88 -4.21 8.34
C1 NAG J . 16.12 -4.70 -51.12
C2 NAG J . 15.74 -4.99 -52.59
C3 NAG J . 16.46 -6.19 -53.20
C4 NAG J . 17.93 -6.22 -52.83
C5 NAG J . 18.03 -6.30 -51.31
C6 NAG J . 19.48 -6.41 -50.83
C7 NAG J . 13.61 -4.93 -53.84
C8 NAG J . 12.13 -5.22 -53.76
N2 NAG J . 14.30 -5.19 -52.72
O3 NAG J . 16.34 -6.16 -54.64
O4 NAG J . 18.58 -7.34 -53.45
O5 NAG J . 17.46 -5.10 -50.76
O6 NAG J . 19.52 -6.43 -49.40
O7 NAG J . 14.11 -4.49 -54.85
#